data_7DMG
#
_entry.id   7DMG
#
_cell.length_a   70.006
_cell.length_b   82.924
_cell.length_c   91.854
_cell.angle_alpha   90.000
_cell.angle_beta   90.000
_cell.angle_gamma   90.000
#
_symmetry.space_group_name_H-M   'P 2 21 21'
#
loop_
_entity.id
_entity.type
_entity.pdbx_description
1 polymer '(S)-specific carbonyl reductase'
2 non-polymer 'NADP NICOTINAMIDE-ADENINE-DINUCLEOTIDE PHOSPHATE'
3 water water
#
_entity_poly.entity_id   1
_entity_poly.type   'polypeptide(L)'
_entity_poly.pdbx_seq_one_letter_code
;SMGEIESYCNKELGPLPTKAPTLSKNVLDLFSLKGKVASVTGSSGGIGWAVAEAYAQAGADVAIWYNSHPADEKAEHLQK
TYGVRSKAYKCNISDPKSVEETISQQEKDFGTIDVFVANAGVPWTEGPEINVDNYDSWNKIINLDLNGVYYCAHTVGKIF
KKNGKGSLVITSSMSGTIVNVPQLQAAYNAAKAACTHLTKSLAVEWAPFARVNCVSPGYIATEISDFVEKDMKAKWWQLT
PLGREGLAQELVGAYLYLASNASTYTTGANLAVDGGYTCP
;
_entity_poly.pdbx_strand_id   A,B
#
loop_
_chem_comp.id
_chem_comp.type
_chem_comp.name
_chem_comp.formula
NAP non-polymer 'NADP NICOTINAMIDE-ADENINE-DINUCLEOTIDE PHOSPHATE' 'C21 H28 N7 O17 P3'
#
# COMPACT_ATOMS: atom_id res chain seq x y z
N SER A 1 -26.70 -12.66 -23.87
CA SER A 1 -25.30 -12.42 -23.52
C SER A 1 -24.35 -12.91 -24.62
N MET A 2 -24.91 -13.48 -25.69
CA MET A 2 -24.08 -13.86 -26.83
C MET A 2 -23.36 -12.63 -27.37
N GLY A 3 -22.06 -12.76 -27.63
CA GLY A 3 -21.28 -11.66 -28.18
C GLY A 3 -20.65 -10.81 -27.11
N GLU A 4 -20.76 -11.22 -25.85
CA GLU A 4 -20.26 -10.41 -24.76
C GLU A 4 -19.62 -11.36 -23.75
N ILE A 5 -18.39 -11.03 -23.36
CA ILE A 5 -17.63 -11.69 -22.31
C ILE A 5 -18.19 -11.15 -21.01
N GLU A 6 -18.82 -12.00 -20.20
CA GLU A 6 -19.30 -11.37 -18.99
C GLU A 6 -18.54 -11.97 -17.82
N SER A 7 -18.47 -11.20 -16.76
CA SER A 7 -17.57 -11.46 -15.65
C SER A 7 -18.00 -12.70 -14.89
N TYR A 8 -17.01 -13.44 -14.37
CA TYR A 8 -17.28 -14.48 -13.39
C TYR A 8 -17.39 -13.90 -11.98
N CYS A 9 -16.96 -12.65 -11.78
CA CYS A 9 -17.01 -12.04 -10.46
C CYS A 9 -18.30 -11.27 -10.22
N ASN A 10 -18.73 -10.49 -11.22
CA ASN A 10 -19.83 -9.56 -11.01
C ASN A 10 -20.31 -9.10 -12.40
N LYS A 11 -21.41 -9.68 -12.87
CA LYS A 11 -21.91 -9.36 -14.21
C LYS A 11 -22.39 -7.91 -14.33
N GLU A 12 -22.53 -7.18 -13.23
CA GLU A 12 -22.84 -5.75 -13.32
C GLU A 12 -21.69 -4.93 -13.91
N LEU A 13 -20.51 -5.52 -14.07
CA LEU A 13 -19.43 -4.86 -14.80
C LEU A 13 -19.80 -4.61 -16.26
N GLY A 14 -20.74 -5.39 -16.80
CA GLY A 14 -21.11 -5.28 -18.19
C GLY A 14 -20.07 -5.94 -19.08
N PRO A 15 -20.19 -5.72 -20.39
CA PRO A 15 -19.30 -6.38 -21.34
C PRO A 15 -17.83 -6.08 -21.06
N LEU A 16 -17.02 -7.13 -21.00
CA LEU A 16 -15.61 -6.97 -20.65
C LEU A 16 -14.76 -6.79 -21.90
N PRO A 17 -13.60 -6.10 -21.80
CA PRO A 17 -13.06 -5.52 -20.56
C PRO A 17 -13.66 -4.15 -20.26
N THR A 18 -13.65 -3.77 -18.99
CA THR A 18 -14.08 -2.44 -18.60
C THR A 18 -13.05 -1.40 -19.04
N LYS A 19 -13.47 -0.16 -19.04
CA LYS A 19 -12.68 0.94 -19.58
C LYS A 19 -11.73 1.47 -18.52
N ALA A 20 -10.46 1.68 -18.91
CA ALA A 20 -9.50 2.23 -17.97
C ALA A 20 -9.84 3.70 -17.69
N PRO A 21 -9.54 4.18 -16.48
CA PRO A 21 -9.80 5.58 -16.16
C PRO A 21 -8.83 6.49 -16.91
N THR A 22 -9.23 7.76 -17.04
CA THR A 22 -8.33 8.80 -17.51
C THR A 22 -7.52 9.31 -16.32
N LEU A 23 -6.19 9.32 -16.46
CA LEU A 23 -5.31 9.66 -15.36
C LEU A 23 -4.35 10.76 -15.78
N SER A 24 -3.99 11.60 -14.82
CA SER A 24 -2.95 12.59 -15.10
C SER A 24 -1.65 11.89 -15.45
N LYS A 25 -0.95 12.45 -16.44
CA LYS A 25 0.42 12.15 -16.80
C LYS A 25 1.44 12.47 -15.69
N ASN A 26 1.08 13.24 -14.66
CA ASN A 26 2.03 13.60 -13.61
C ASN A 26 1.65 12.91 -12.29
N VAL A 27 2.62 12.20 -11.71
CA VAL A 27 2.33 11.32 -10.57
C VAL A 27 1.80 12.11 -9.38
N LEU A 28 2.34 13.31 -9.17
CA LEU A 28 1.90 14.08 -8.01
C LEU A 28 0.45 14.52 -8.13
N ASP A 29 -0.04 14.76 -9.35
CA ASP A 29 -1.44 15.12 -9.52
C ASP A 29 -2.39 13.98 -9.19
N LEU A 30 -1.91 12.72 -9.25
CA LEU A 30 -2.79 11.59 -8.94
C LEU A 30 -3.27 11.60 -7.50
N PHE A 31 -2.48 12.18 -6.58
CA PHE A 31 -2.77 12.18 -5.16
C PHE A 31 -3.70 13.31 -4.74
N SER A 32 -4.09 14.17 -5.67
CA SER A 32 -4.92 15.32 -5.32
C SER A 32 -6.35 14.87 -5.03
N LEU A 33 -6.97 15.49 -4.02
CA LEU A 33 -8.38 15.30 -3.73
C LEU A 33 -9.20 16.55 -4.00
N LYS A 34 -8.67 17.50 -4.77
CA LYS A 34 -9.41 18.70 -5.11
C LYS A 34 -10.71 18.35 -5.83
N GLY A 35 -11.78 19.04 -5.44
CA GLY A 35 -13.10 18.78 -6.00
C GLY A 35 -13.77 17.52 -5.51
N LYS A 36 -13.21 16.85 -4.50
CA LYS A 36 -13.81 15.65 -3.95
C LYS A 36 -14.26 15.90 -2.52
N VAL A 37 -15.20 15.08 -2.06
CA VAL A 37 -15.75 15.18 -0.71
C VAL A 37 -15.37 13.92 0.05
N ALA A 38 -14.78 14.08 1.22
CA ALA A 38 -14.37 12.97 2.07
C ALA A 38 -15.19 12.97 3.36
N SER A 39 -15.44 11.77 3.87
CA SER A 39 -16.16 11.57 5.12
C SER A 39 -15.37 10.57 5.95
N VAL A 40 -14.92 10.97 7.15
CA VAL A 40 -13.97 10.19 7.94
C VAL A 40 -14.59 9.96 9.32
N THR A 41 -14.96 8.72 9.62
CA THR A 41 -15.53 8.47 10.93
C THR A 41 -14.42 8.42 11.98
N GLY A 42 -14.79 8.66 13.22
CA GLY A 42 -13.80 8.68 14.30
C GLY A 42 -12.73 9.73 14.11
N SER A 43 -13.08 10.88 13.55
CA SER A 43 -12.09 11.91 13.27
C SER A 43 -11.99 12.97 14.38
N SER A 44 -12.61 12.71 15.54
CA SER A 44 -12.16 13.39 16.74
C SER A 44 -10.94 12.71 17.36
N GLY A 45 -10.69 11.44 17.04
CA GLY A 45 -9.57 10.71 17.59
C GLY A 45 -8.29 10.92 16.81
N GLY A 46 -7.22 10.29 17.29
CA GLY A 46 -5.89 10.52 16.77
C GLY A 46 -5.72 10.20 15.29
N ILE A 47 -5.96 8.95 14.90
CA ILE A 47 -5.74 8.57 13.52
C ILE A 47 -6.72 9.30 12.61
N GLY A 48 -7.99 9.34 13.00
CA GLY A 48 -9.01 9.93 12.14
C GLY A 48 -8.79 11.41 11.91
N TRP A 49 -8.37 12.14 12.94
CA TRP A 49 -8.08 13.55 12.76
C TRP A 49 -6.86 13.76 11.87
N ALA A 50 -5.82 12.93 12.03
CA ALA A 50 -4.65 13.03 11.14
C ALA A 50 -5.05 12.82 9.69
N VAL A 51 -5.91 11.83 9.43
CA VAL A 51 -6.33 11.54 8.07
C VAL A 51 -7.22 12.66 7.53
N ALA A 52 -8.12 13.18 8.35
CA ALA A 52 -8.99 14.29 7.93
C ALA A 52 -8.17 15.51 7.53
N GLU A 53 -7.21 15.91 8.36
CA GLU A 53 -6.40 17.07 8.01
C GLU A 53 -5.56 16.81 6.77
N ALA A 54 -5.07 15.58 6.60
CA ALA A 54 -4.33 15.24 5.39
C ALA A 54 -5.22 15.38 4.16
N TYR A 55 -6.46 14.91 4.26
CA TYR A 55 -7.36 15.00 3.11
C TYR A 55 -7.65 16.45 2.78
N ALA A 56 -7.80 17.30 3.81
CA ALA A 56 -8.02 18.73 3.58
C ALA A 56 -6.81 19.37 2.90
N GLN A 57 -5.60 18.99 3.31
CA GLN A 57 -4.39 19.46 2.65
C GLN A 57 -4.36 19.05 1.18
N ALA A 58 -4.93 17.89 0.85
CA ALA A 58 -5.01 17.43 -0.53
C ALA A 58 -6.15 18.08 -1.30
N GLY A 59 -6.95 18.93 -0.65
CA GLY A 59 -7.96 19.70 -1.33
C GLY A 59 -9.38 19.22 -1.14
N ALA A 60 -9.62 18.21 -0.31
CA ALA A 60 -10.96 17.66 -0.16
C ALA A 60 -11.77 18.45 0.86
N ASP A 61 -13.07 18.57 0.61
CA ASP A 61 -14.00 18.85 1.68
C ASP A 61 -14.07 17.65 2.61
N VAL A 62 -14.21 17.89 3.91
CA VAL A 62 -14.10 16.83 4.91
C VAL A 62 -15.28 16.89 5.87
N ALA A 63 -16.05 15.81 5.93
CA ALA A 63 -17.06 15.65 6.97
C ALA A 63 -16.42 14.92 8.16
N ILE A 64 -16.45 15.56 9.32
CA ILE A 64 -15.82 15.05 10.54
C ILE A 64 -16.90 14.40 11.40
N TRP A 65 -16.56 13.26 12.01
CA TRP A 65 -17.49 12.54 12.88
C TRP A 65 -16.94 12.51 14.29
N TYR A 66 -17.84 12.62 15.27
CA TYR A 66 -17.49 12.44 16.66
C TYR A 66 -18.62 11.71 17.36
N ASN A 67 -18.33 11.24 18.57
CA ASN A 67 -19.36 10.65 19.41
C ASN A 67 -19.43 11.34 20.76
N SER A 68 -18.38 11.18 21.58
CA SER A 68 -18.36 11.78 22.90
C SER A 68 -17.46 13.00 23.02
N HIS A 69 -16.70 13.35 21.97
CA HIS A 69 -15.80 14.52 22.02
C HIS A 69 -16.10 15.42 20.83
N PRO A 70 -16.96 16.43 21.02
CA PRO A 70 -17.35 17.30 19.89
C PRO A 70 -16.16 17.91 19.17
N ALA A 71 -16.19 17.85 17.84
CA ALA A 71 -15.06 18.22 17.00
C ALA A 71 -15.41 19.39 16.08
N ASP A 72 -16.35 20.24 16.50
CA ASP A 72 -16.72 21.37 15.65
C ASP A 72 -15.56 22.33 15.44
N GLU A 73 -14.71 22.52 16.45
CA GLU A 73 -13.56 23.39 16.27
C GLU A 73 -12.56 22.79 15.28
N LYS A 74 -12.47 21.46 15.22
CA LYS A 74 -11.63 20.84 14.20
C LYS A 74 -12.11 21.19 12.80
N ALA A 75 -13.44 21.26 12.60
CA ALA A 75 -14.03 21.47 11.27
C ALA A 75 -13.73 22.87 10.75
N GLU A 76 -14.33 23.88 11.37
CA GLU A 76 -13.70 25.14 11.65
C GLU A 76 -12.18 25.22 11.45
N HIS A 77 -11.34 24.42 12.12
CA HIS A 77 -9.91 24.56 11.83
C HIS A 77 -9.61 24.24 10.37
N LEU A 78 -10.27 23.23 9.81
CA LEU A 78 -9.98 22.83 8.42
C LEU A 78 -10.48 23.90 7.43
N GLN A 79 -11.68 24.45 7.65
CA GLN A 79 -12.24 25.48 6.77
C GLN A 79 -11.36 26.72 6.75
N LYS A 80 -11.22 27.40 7.90
CA LYS A 80 -10.16 28.39 8.11
C LYS A 80 -8.80 28.09 7.48
N THR A 81 -8.22 26.98 7.79
CA THR A 81 -6.78 26.84 7.41
C THR A 81 -6.55 26.50 5.92
N TYR A 82 -7.43 25.69 5.36
CA TYR A 82 -7.26 25.17 4.02
C TYR A 82 -8.32 25.63 3.04
N GLY A 83 -9.33 26.38 3.49
CA GLY A 83 -10.33 26.89 2.58
C GLY A 83 -11.30 25.86 2.05
N VAL A 84 -11.34 24.67 2.62
CA VAL A 84 -12.29 23.65 2.18
C VAL A 84 -13.55 23.74 3.04
N ARG A 85 -14.62 23.10 2.56
CA ARG A 85 -15.84 22.96 3.36
C ARG A 85 -15.68 21.81 4.36
N SER A 86 -16.13 22.05 5.60
CA SER A 86 -16.05 21.05 6.66
C SER A 86 -17.08 21.37 7.75
N LYS A 87 -17.60 20.31 8.36
CA LYS A 87 -18.62 20.25 9.42
C LYS A 87 -18.56 18.88 10.09
N ALA A 88 -18.82 18.91 11.39
CA ALA A 88 -18.67 17.82 12.33
C ALA A 88 -20.06 17.30 12.63
N TYR A 89 -20.18 15.99 12.73
CA TYR A 89 -21.44 15.32 12.94
C TYR A 89 -21.32 14.38 14.12
N LYS A 90 -22.34 14.38 14.97
CA LYS A 90 -22.41 13.49 16.11
C LYS A 90 -23.17 12.21 15.73
N CYS A 91 -22.58 11.06 16.02
CA CYS A 91 -23.23 9.80 15.67
C CYS A 91 -22.64 8.64 16.45
N ASN A 92 -23.50 7.87 17.12
CA ASN A 92 -23.11 6.57 17.66
C ASN A 92 -23.21 5.55 16.53
N ILE A 93 -22.06 5.09 16.04
CA ILE A 93 -22.02 4.29 14.82
C ILE A 93 -22.49 2.86 15.04
N SER A 94 -22.59 2.41 16.29
CA SER A 94 -23.21 1.12 16.57
C SER A 94 -24.71 1.13 16.34
N ASP A 95 -25.32 2.31 16.13
CA ASP A 95 -26.74 2.43 15.87
C ASP A 95 -26.95 2.55 14.37
N PRO A 96 -27.47 1.54 13.69
CA PRO A 96 -27.56 1.59 12.22
C PRO A 96 -28.44 2.71 11.72
N LYS A 97 -29.48 3.05 12.47
CA LYS A 97 -30.37 4.13 12.09
C LYS A 97 -29.66 5.47 12.10
N SER A 98 -28.85 5.73 13.13
CA SER A 98 -28.12 6.98 13.22
C SER A 98 -27.09 7.11 12.10
N VAL A 99 -26.44 6.01 11.74
CA VAL A 99 -25.46 6.04 10.66
C VAL A 99 -26.12 6.46 9.35
N GLU A 100 -27.26 5.83 9.04
CA GLU A 100 -27.99 6.20 7.84
C GLU A 100 -28.37 7.68 7.85
N GLU A 101 -28.88 8.17 8.98
CA GLU A 101 -29.32 9.57 9.05
C GLU A 101 -28.13 10.52 8.89
N THR A 102 -26.99 10.18 9.46
CA THR A 102 -25.83 11.06 9.39
C THR A 102 -25.26 11.13 7.97
N ILE A 103 -25.17 9.99 7.30
CA ILE A 103 -24.60 9.99 5.95
C ILE A 103 -25.54 10.68 4.96
N SER A 104 -26.86 10.45 5.11
CA SER A 104 -27.80 11.16 4.25
C SER A 104 -27.72 12.66 4.46
N GLN A 105 -27.51 13.09 5.70
CA GLN A 105 -27.38 14.52 5.97
C GLN A 105 -26.10 15.08 5.35
N GLN A 106 -25.02 14.30 5.37
CA GLN A 106 -23.77 14.73 4.75
C GLN A 106 -23.92 14.84 3.22
N GLU A 107 -24.61 13.88 2.61
CA GLU A 107 -24.86 13.97 1.17
C GLU A 107 -25.61 15.25 0.84
N LYS A 108 -26.60 15.62 1.67
CA LYS A 108 -27.32 16.87 1.44
C LYS A 108 -26.41 18.08 1.62
N ASP A 109 -25.60 18.08 2.69
CA ASP A 109 -24.80 19.24 3.04
C ASP A 109 -23.67 19.48 2.04
N PHE A 110 -23.01 18.41 1.59
CA PHE A 110 -21.86 18.51 0.71
C PHE A 110 -22.18 18.21 -0.76
N GLY A 111 -23.35 17.65 -1.05
CA GLY A 111 -23.72 17.36 -2.43
C GLY A 111 -23.50 15.91 -2.82
N THR A 112 -22.39 15.34 -2.38
CA THR A 112 -22.04 13.96 -2.67
C THR A 112 -21.00 13.53 -1.65
N ILE A 113 -20.60 12.27 -1.72
CA ILE A 113 -19.44 11.77 -1.00
C ILE A 113 -18.61 10.96 -1.99
N ASP A 114 -17.34 11.32 -2.13
CA ASP A 114 -16.42 10.64 -3.04
C ASP A 114 -15.50 9.66 -2.33
N VAL A 115 -15.15 9.94 -1.08
CA VAL A 115 -14.22 9.14 -0.28
C VAL A 115 -14.84 8.92 1.09
N PHE A 116 -14.84 7.68 1.55
CA PHE A 116 -15.32 7.36 2.89
C PHE A 116 -14.26 6.57 3.64
N VAL A 117 -13.97 6.98 4.88
CA VAL A 117 -13.03 6.26 5.72
C VAL A 117 -13.79 5.74 6.93
N ALA A 118 -13.94 4.42 7.01
CA ALA A 118 -14.64 3.81 8.14
C ALA A 118 -13.58 3.50 9.19
N ASN A 119 -13.39 4.46 10.11
CA ASN A 119 -12.26 4.47 11.02
C ASN A 119 -12.62 4.38 12.50
N ALA A 120 -13.85 4.71 12.89
CA ALA A 120 -14.19 4.68 14.31
C ALA A 120 -14.09 3.26 14.88
N GLY A 121 -13.62 3.15 16.11
CA GLY A 121 -13.49 1.84 16.73
C GLY A 121 -13.06 1.98 18.18
N VAL A 122 -13.27 0.89 18.94
CA VAL A 122 -12.88 0.86 20.35
C VAL A 122 -12.07 -0.40 20.63
N PRO A 123 -11.13 -0.36 21.56
CA PRO A 123 -10.33 -1.55 21.88
C PRO A 123 -11.01 -2.46 22.89
N TRP A 124 -10.49 -3.68 22.96
CA TRP A 124 -10.75 -4.59 24.07
C TRP A 124 -9.67 -4.35 25.12
N THR A 125 -10.09 -4.15 26.37
CA THR A 125 -9.17 -3.77 27.43
C THR A 125 -9.11 -4.76 28.59
N GLU A 126 -9.81 -5.89 28.52
CA GLU A 126 -10.10 -6.68 29.70
C GLU A 126 -9.29 -7.97 29.83
N GLY A 127 -8.21 -8.12 29.07
CA GLY A 127 -7.37 -9.29 29.21
C GLY A 127 -7.99 -10.55 28.64
N PRO A 128 -7.59 -11.70 29.18
CA PRO A 128 -8.04 -12.98 28.61
C PRO A 128 -9.55 -13.16 28.72
N GLU A 129 -10.17 -13.50 27.58
CA GLU A 129 -11.60 -13.72 27.52
C GLU A 129 -12.12 -14.78 28.48
N ILE A 130 -11.30 -15.76 28.84
CA ILE A 130 -11.80 -16.87 29.63
C ILE A 130 -12.25 -16.43 31.02
N ASN A 131 -11.74 -15.30 31.52
CA ASN A 131 -12.12 -14.76 32.82
C ASN A 131 -13.30 -13.79 32.76
N VAL A 132 -13.90 -13.58 31.59
CA VAL A 132 -14.95 -12.56 31.44
C VAL A 132 -16.29 -13.27 31.41
N ASP A 133 -17.11 -13.07 32.45
CA ASP A 133 -18.28 -13.92 32.71
C ASP A 133 -19.52 -13.53 31.95
N ASN A 134 -19.50 -12.48 31.13
CA ASN A 134 -20.64 -12.18 30.29
C ASN A 134 -20.11 -11.75 28.93
N TYR A 135 -21.02 -11.43 28.01
CA TYR A 135 -20.66 -11.17 26.63
C TYR A 135 -20.78 -9.69 26.28
N ASP A 136 -20.96 -8.82 27.28
CA ASP A 136 -21.21 -7.41 26.97
C ASP A 136 -20.02 -6.78 26.25
N SER A 137 -18.80 -7.07 26.70
CA SER A 137 -17.64 -6.45 26.06
C SER A 137 -17.41 -7.02 24.67
N TRP A 138 -17.53 -8.35 24.53
CA TRP A 138 -17.49 -8.96 23.21
C TRP A 138 -18.47 -8.27 22.27
N ASN A 139 -19.72 -8.13 22.71
CA ASN A 139 -20.76 -7.56 21.86
C ASN A 139 -20.49 -6.10 21.55
N LYS A 140 -19.93 -5.36 22.51
CA LYS A 140 -19.58 -3.96 22.27
C LYS A 140 -18.55 -3.83 21.15
N ILE A 141 -17.54 -4.71 21.15
CA ILE A 141 -16.51 -4.67 20.13
C ILE A 141 -17.09 -5.05 18.77
N ILE A 142 -17.83 -6.15 18.71
CA ILE A 142 -18.41 -6.59 17.43
C ILE A 142 -19.36 -5.54 16.89
N ASN A 143 -20.17 -4.93 17.75
CA ASN A 143 -21.21 -4.01 17.27
C ASN A 143 -20.60 -2.75 16.66
N LEU A 144 -19.51 -2.23 17.22
CA LEU A 144 -18.92 -1.04 16.62
C LEU A 144 -17.84 -1.38 15.60
N ASP A 145 -16.93 -2.31 15.94
CA ASP A 145 -15.75 -2.53 15.11
C ASP A 145 -16.05 -3.39 13.89
N LEU A 146 -17.16 -4.11 13.87
CA LEU A 146 -17.55 -4.86 12.67
C LEU A 146 -18.91 -4.42 12.15
N ASN A 147 -19.97 -4.53 12.95
CA ASN A 147 -21.30 -4.15 12.47
C ASN A 147 -21.35 -2.67 12.09
N GLY A 148 -20.77 -1.81 12.93
CA GLY A 148 -20.81 -0.39 12.64
C GLY A 148 -20.02 -0.01 11.39
N VAL A 149 -18.90 -0.68 11.17
CA VAL A 149 -18.18 -0.49 9.91
C VAL A 149 -19.07 -0.88 8.74
N TYR A 150 -19.79 -1.99 8.87
CA TYR A 150 -20.66 -2.43 7.78
C TYR A 150 -21.83 -1.47 7.56
N TYR A 151 -22.45 -0.96 8.65
CA TYR A 151 -23.52 0.02 8.47
C TYR A 151 -23.04 1.21 7.66
N CYS A 152 -21.83 1.70 7.97
CA CYS A 152 -21.26 2.81 7.20
C CYS A 152 -21.06 2.39 5.75
N ALA A 153 -20.48 1.20 5.53
CA ALA A 153 -20.19 0.75 4.18
C ALA A 153 -21.47 0.60 3.37
N HIS A 154 -22.45 -0.14 3.91
CA HIS A 154 -23.70 -0.35 3.19
C HIS A 154 -24.35 0.98 2.83
N THR A 155 -24.31 1.95 3.75
CA THR A 155 -24.99 3.22 3.49
C THR A 155 -24.28 4.02 2.41
N VAL A 156 -22.96 4.21 2.54
CA VAL A 156 -22.25 5.04 1.55
C VAL A 156 -22.13 4.32 0.21
N GLY A 157 -22.13 2.98 0.20
CA GLY A 157 -22.06 2.26 -1.05
C GLY A 157 -23.22 2.60 -1.98
N LYS A 158 -24.39 2.87 -1.41
CA LYS A 158 -25.52 3.22 -2.26
C LYS A 158 -25.31 4.60 -2.90
N ILE A 159 -24.58 5.49 -2.23
CA ILE A 159 -24.20 6.76 -2.83
C ILE A 159 -23.20 6.53 -3.97
N PHE A 160 -22.17 5.71 -3.70
CA PHE A 160 -21.18 5.39 -4.73
C PHE A 160 -21.83 4.76 -5.96
N LYS A 161 -22.78 3.84 -5.77
CA LYS A 161 -23.39 3.19 -6.92
C LYS A 161 -24.19 4.18 -7.75
N LYS A 162 -24.96 5.04 -7.07
CA LYS A 162 -25.72 6.07 -7.76
C LYS A 162 -24.83 6.95 -8.63
N ASN A 163 -23.69 7.38 -8.09
CA ASN A 163 -22.80 8.27 -8.82
C ASN A 163 -21.80 7.53 -9.70
N GLY A 164 -21.72 6.21 -9.58
CA GLY A 164 -20.79 5.41 -10.36
C GLY A 164 -19.33 5.56 -10.00
N LYS A 165 -19.02 6.08 -8.81
CA LYS A 165 -17.64 6.28 -8.41
C LYS A 165 -17.54 6.41 -6.89
N GLY A 166 -16.38 6.05 -6.35
CA GLY A 166 -16.13 6.18 -4.93
C GLY A 166 -14.96 5.34 -4.48
N SER A 167 -14.39 5.73 -3.34
CA SER A 167 -13.30 5.00 -2.71
C SER A 167 -13.62 4.86 -1.22
N LEU A 168 -13.73 3.62 -0.76
CA LEU A 168 -13.95 3.31 0.65
C LEU A 168 -12.65 2.79 1.24
N VAL A 169 -12.21 3.38 2.34
CA VAL A 169 -11.04 2.90 3.06
C VAL A 169 -11.50 2.52 4.46
N ILE A 170 -11.25 1.27 4.84
CA ILE A 170 -11.59 0.78 6.17
C ILE A 170 -10.32 0.77 7.01
N THR A 171 -10.39 1.27 8.25
CA THR A 171 -9.26 1.14 9.16
C THR A 171 -9.37 -0.22 9.83
N SER A 172 -8.52 -1.16 9.41
CA SER A 172 -8.47 -2.44 10.09
C SER A 172 -7.42 -2.35 11.18
N SER A 173 -6.49 -3.31 11.24
CA SER A 173 -5.45 -3.32 12.24
C SER A 173 -4.53 -4.49 11.94
N MET A 174 -3.28 -4.39 12.40
CA MET A 174 -2.46 -5.59 12.34
C MET A 174 -3.09 -6.73 13.16
N SER A 175 -3.97 -6.39 14.12
CA SER A 175 -4.71 -7.39 14.88
C SER A 175 -5.65 -8.24 14.02
N GLY A 176 -5.95 -7.81 12.80
CA GLY A 176 -6.69 -8.66 11.87
C GLY A 176 -5.86 -9.72 11.20
N THR A 177 -4.54 -9.60 11.30
CA THR A 177 -3.55 -10.48 10.68
C THR A 177 -2.78 -11.34 11.68
N ILE A 178 -2.45 -10.79 12.86
CA ILE A 178 -1.69 -11.50 13.89
C ILE A 178 -2.46 -11.43 15.20
N VAL A 179 -1.90 -12.03 16.23
CA VAL A 179 -2.52 -12.07 17.55
C VAL A 179 -1.63 -11.26 18.49
N ASN A 180 -2.15 -10.13 18.98
CA ASN A 180 -1.37 -9.30 19.90
C ASN A 180 -0.99 -10.06 21.17
N VAL A 181 0.24 -9.81 21.62
CA VAL A 181 0.74 -10.31 22.90
C VAL A 181 1.57 -9.21 23.54
N PRO A 182 1.62 -9.17 24.88
CA PRO A 182 0.98 -10.07 25.84
C PRO A 182 -0.46 -9.70 26.19
N GLN A 183 -0.95 -8.54 25.72
CA GLN A 183 -2.32 -8.12 26.02
C GLN A 183 -3.28 -8.87 25.09
N LEU A 184 -4.07 -9.77 25.67
CA LEU A 184 -4.87 -10.69 24.87
C LEU A 184 -6.23 -10.06 24.59
N GLN A 185 -6.68 -10.14 23.35
CA GLN A 185 -7.83 -9.36 22.93
C GLN A 185 -8.53 -10.04 21.75
N ALA A 186 -8.90 -11.31 21.94
CA ALA A 186 -9.52 -12.11 20.87
C ALA A 186 -10.68 -11.39 20.16
N ALA A 187 -11.54 -10.72 20.91
CA ALA A 187 -12.73 -10.10 20.31
C ALA A 187 -12.33 -9.02 19.30
N TYR A 188 -11.35 -8.20 19.65
CA TYR A 188 -10.86 -7.16 18.75
C TYR A 188 -10.19 -7.78 17.54
N ASN A 189 -9.34 -8.79 17.78
CA ASN A 189 -8.68 -9.48 16.67
C ASN A 189 -9.70 -10.04 15.70
N ALA A 190 -10.75 -10.69 16.21
CA ALA A 190 -11.76 -11.27 15.33
C ALA A 190 -12.48 -10.20 14.54
N ALA A 191 -12.88 -9.11 15.20
CA ALA A 191 -13.57 -8.03 14.49
C ALA A 191 -12.71 -7.45 13.38
N LYS A 192 -11.41 -7.26 13.63
CA LYS A 192 -10.54 -6.66 12.63
C LYS A 192 -10.27 -7.62 11.47
N ALA A 193 -10.11 -8.92 11.76
CA ALA A 193 -10.01 -9.88 10.65
C ALA A 193 -11.26 -9.85 9.80
N ALA A 194 -12.43 -9.73 10.42
CA ALA A 194 -13.65 -9.60 9.64
C ALA A 194 -13.63 -8.33 8.79
N CYS A 195 -13.06 -7.25 9.32
CA CYS A 195 -12.97 -5.99 8.56
C CYS A 195 -12.08 -6.15 7.33
N THR A 196 -10.93 -6.81 7.51
CA THR A 196 -10.01 -7.00 6.39
C THR A 196 -10.66 -7.84 5.30
N HIS A 197 -11.45 -8.85 5.67
CA HIS A 197 -12.08 -9.67 4.63
C HIS A 197 -13.37 -9.08 4.11
N LEU A 198 -14.06 -8.26 4.91
CA LEU A 198 -15.18 -7.47 4.38
C LEU A 198 -14.68 -6.52 3.29
N THR A 199 -13.48 -5.95 3.49
CA THR A 199 -12.85 -5.12 2.48
C THR A 199 -12.73 -5.86 1.16
N LYS A 200 -12.19 -7.08 1.19
CA LYS A 200 -12.07 -7.86 -0.04
C LYS A 200 -13.43 -8.23 -0.61
N SER A 201 -14.37 -8.62 0.25
CA SER A 201 -15.69 -9.02 -0.23
C SER A 201 -16.40 -7.86 -0.92
N LEU A 202 -16.38 -6.67 -0.29
CA LEU A 202 -17.05 -5.53 -0.89
C LEU A 202 -16.30 -5.03 -2.13
N ALA A 203 -14.97 -5.16 -2.14
CA ALA A 203 -14.23 -4.83 -3.36
C ALA A 203 -14.79 -5.59 -4.56
N VAL A 204 -15.12 -6.87 -4.39
CA VAL A 204 -15.70 -7.62 -5.51
C VAL A 204 -17.11 -7.11 -5.82
N GLU A 205 -17.93 -6.94 -4.78
CA GLU A 205 -19.33 -6.58 -5.01
C GLU A 205 -19.49 -5.18 -5.61
N TRP A 206 -18.64 -4.24 -5.21
CA TRP A 206 -18.77 -2.84 -5.62
C TRP A 206 -17.93 -2.50 -6.83
N ALA A 207 -17.20 -3.46 -7.40
CA ALA A 207 -16.28 -3.18 -8.50
C ALA A 207 -16.87 -2.36 -9.64
N PRO A 208 -18.15 -2.49 -10.03
CA PRO A 208 -18.64 -1.63 -11.11
C PRO A 208 -18.67 -0.15 -10.78
N PHE A 209 -18.65 0.22 -9.50
CA PHE A 209 -18.80 1.63 -9.14
C PHE A 209 -17.87 2.13 -8.06
N ALA A 210 -17.02 1.31 -7.45
CA ALA A 210 -16.18 1.81 -6.37
C ALA A 210 -15.02 0.87 -6.11
N ARG A 211 -14.01 1.41 -5.44
CA ARG A 211 -12.90 0.64 -4.92
C ARG A 211 -13.03 0.57 -3.41
N VAL A 212 -12.58 -0.54 -2.82
CA VAL A 212 -12.63 -0.75 -1.37
C VAL A 212 -11.28 -1.31 -0.93
N ASN A 213 -10.63 -0.65 0.03
CA ASN A 213 -9.33 -1.06 0.54
C ASN A 213 -9.29 -0.84 2.05
N CYS A 214 -8.27 -1.41 2.69
CA CYS A 214 -8.11 -1.16 4.12
C CYS A 214 -6.65 -0.92 4.45
N VAL A 215 -6.44 -0.20 5.55
CA VAL A 215 -5.13 0.06 6.14
C VAL A 215 -5.09 -0.70 7.45
N SER A 216 -4.01 -1.42 7.70
CA SER A 216 -3.84 -2.14 8.97
C SER A 216 -2.69 -1.55 9.76
N PRO A 217 -2.93 -0.51 10.57
CA PRO A 217 -1.87 0.05 11.40
C PRO A 217 -1.39 -0.92 12.45
N GLY A 218 -0.11 -0.79 12.81
CA GLY A 218 0.44 -1.43 13.99
C GLY A 218 0.19 -0.58 15.22
N TYR A 219 1.13 -0.57 16.16
CA TYR A 219 0.99 0.26 17.35
C TYR A 219 1.30 1.70 16.99
N ILE A 220 0.31 2.58 17.17
CA ILE A 220 0.44 4.01 16.87
C ILE A 220 0.37 4.79 18.17
N ALA A 221 1.36 5.63 18.41
CA ALA A 221 1.31 6.56 19.54
C ALA A 221 0.07 7.44 19.46
N THR A 222 -0.97 7.10 20.22
CA THR A 222 -2.24 7.84 20.17
C THR A 222 -2.75 8.16 21.57
N PHE A 227 -0.24 5.63 27.68
CA PHE A 227 -1.31 5.69 28.67
C PHE A 227 -1.44 4.27 29.24
N VAL A 228 -0.56 3.43 28.71
CA VAL A 228 -0.45 2.00 29.03
C VAL A 228 0.89 1.80 29.74
N GLU A 229 1.16 0.57 30.19
CA GLU A 229 2.21 0.29 31.16
C GLU A 229 3.57 0.09 30.47
N LYS A 230 4.66 0.27 31.23
CA LYS A 230 5.94 0.50 30.56
C LYS A 230 6.62 -0.79 30.05
N ASP A 231 6.84 -1.79 30.92
CA ASP A 231 7.07 -3.19 30.51
C ASP A 231 6.25 -3.78 29.38
N MET A 232 4.95 -3.49 29.28
CA MET A 232 4.21 -4.04 28.13
C MET A 232 4.63 -3.36 26.83
N LYS A 233 4.68 -2.03 26.81
CA LYS A 233 5.19 -1.30 25.64
C LYS A 233 6.58 -1.77 25.25
N ALA A 234 7.44 -2.02 26.25
CA ALA A 234 8.81 -2.46 25.96
C ALA A 234 8.81 -3.75 25.13
N LYS A 235 7.95 -4.70 25.48
CA LYS A 235 7.88 -5.91 24.68
C LYS A 235 7.35 -5.63 23.27
N TRP A 236 6.42 -4.68 23.11
CA TRP A 236 6.00 -4.30 21.76
C TRP A 236 7.20 -3.81 20.96
N TRP A 237 8.00 -2.90 21.53
CA TRP A 237 9.18 -2.40 20.83
C TRP A 237 10.12 -3.53 20.44
N GLN A 238 10.34 -4.48 21.37
CA GLN A 238 11.26 -5.59 21.10
C GLN A 238 10.82 -6.44 19.92
N LEU A 239 9.51 -6.57 19.69
CA LEU A 239 8.99 -7.41 18.63
C LEU A 239 8.72 -6.64 17.33
N THR A 240 8.95 -5.33 17.32
CA THR A 240 8.70 -4.52 16.12
C THR A 240 10.01 -4.32 15.38
N PRO A 241 10.13 -4.75 14.11
CA PRO A 241 11.42 -4.59 13.42
C PRO A 241 11.96 -3.17 13.39
N LEU A 242 11.11 -2.15 13.25
CA LEU A 242 11.62 -0.78 13.27
C LEU A 242 12.01 -0.30 14.67
N GLY A 243 11.55 -0.97 15.73
CA GLY A 243 12.03 -0.67 17.07
C GLY A 243 11.28 0.41 17.83
N ARG A 244 10.08 0.78 17.38
CA ARG A 244 9.35 1.90 17.96
C ARG A 244 7.88 1.76 17.55
N GLU A 245 7.02 2.50 18.25
CA GLU A 245 5.65 2.71 17.80
C GLU A 245 5.62 3.72 16.66
N GLY A 246 4.54 3.70 15.87
CA GLY A 246 4.39 4.66 14.81
C GLY A 246 3.68 5.95 15.25
N LEU A 247 3.82 6.98 14.43
CA LEU A 247 3.09 8.24 14.61
C LEU A 247 1.90 8.28 13.65
N ALA A 248 0.84 8.98 14.05
CA ALA A 248 -0.32 9.07 13.16
C ALA A 248 0.05 9.71 11.83
N GLN A 249 1.03 10.61 11.81
CA GLN A 249 1.45 11.21 10.54
C GLN A 249 2.08 10.21 9.61
N GLU A 250 2.56 9.07 10.12
CA GLU A 250 3.10 8.02 9.28
C GLU A 250 2.03 7.16 8.63
N LEU A 251 0.75 7.40 8.95
CA LEU A 251 -0.36 6.70 8.30
C LEU A 251 -1.00 7.48 7.16
N VAL A 252 -0.87 8.81 7.13
CA VAL A 252 -1.71 9.59 6.21
C VAL A 252 -1.34 9.33 4.76
N GLY A 253 -0.07 9.00 4.47
CA GLY A 253 0.28 8.67 3.09
C GLY A 253 -0.50 7.48 2.56
N ALA A 254 -0.70 6.46 3.38
CA ALA A 254 -1.43 5.27 2.94
C ALA A 254 -2.90 5.61 2.69
N TYR A 255 -3.49 6.43 3.57
CA TYR A 255 -4.89 6.80 3.40
C TYR A 255 -5.08 7.71 2.20
N LEU A 256 -4.12 8.58 1.90
CA LEU A 256 -4.26 9.42 0.72
C LEU A 256 -4.04 8.62 -0.56
N TYR A 257 -3.07 7.69 -0.52
CA TYR A 257 -2.86 6.82 -1.66
C TYR A 257 -4.14 6.10 -2.05
N LEU A 258 -4.81 5.49 -1.07
CA LEU A 258 -6.02 4.69 -1.37
C LEU A 258 -7.22 5.57 -1.72
N ALA A 259 -7.32 6.75 -1.14
CA ALA A 259 -8.46 7.62 -1.40
C ALA A 259 -8.43 8.29 -2.77
N SER A 260 -7.24 8.47 -3.34
CA SER A 260 -7.04 9.30 -4.52
C SER A 260 -6.88 8.46 -5.78
N ASN A 261 -6.68 9.15 -6.91
CA ASN A 261 -6.48 8.50 -8.19
C ASN A 261 -5.10 7.87 -8.31
N ALA A 262 -4.29 7.92 -7.24
CA ALA A 262 -3.02 7.22 -7.24
C ALA A 262 -3.20 5.70 -7.23
N SER A 263 -4.41 5.21 -6.93
CA SER A 263 -4.62 3.79 -6.67
C SER A 263 -5.81 3.23 -7.46
N THR A 264 -6.00 3.67 -8.71
CA THR A 264 -7.22 3.29 -9.44
C THR A 264 -7.28 1.82 -9.86
N TYR A 265 -6.17 1.08 -9.79
CA TYR A 265 -6.17 -0.36 -10.02
C TYR A 265 -6.01 -1.14 -8.73
N THR A 266 -6.05 -0.46 -7.59
CA THR A 266 -5.89 -1.08 -6.28
C THR A 266 -7.27 -1.24 -5.65
N THR A 267 -7.69 -2.48 -5.48
CA THR A 267 -8.93 -2.72 -4.76
C THR A 267 -8.83 -4.07 -4.06
N GLY A 268 -9.51 -4.17 -2.92
CA GLY A 268 -9.44 -5.35 -2.09
C GLY A 268 -8.11 -5.52 -1.40
N ALA A 269 -7.29 -4.48 -1.34
CA ALA A 269 -5.93 -4.60 -0.80
C ALA A 269 -5.90 -4.19 0.67
N ASN A 270 -5.03 -4.87 1.41
CA ASN A 270 -4.73 -4.53 2.80
C ASN A 270 -3.33 -3.95 2.86
N LEU A 271 -3.22 -2.71 3.31
CA LEU A 271 -1.93 -2.03 3.35
C LEU A 271 -1.44 -2.01 4.80
N ALA A 272 -0.42 -2.82 5.09
CA ALA A 272 0.11 -2.92 6.44
C ALA A 272 1.02 -1.73 6.70
N VAL A 273 0.75 -1.00 7.79
CA VAL A 273 1.63 0.09 8.21
C VAL A 273 1.96 -0.14 9.66
N ASP A 274 2.92 -1.04 9.93
CA ASP A 274 3.05 -1.60 11.26
C ASP A 274 4.50 -1.73 11.69
N GLY A 275 5.42 -1.00 11.05
CA GLY A 275 6.81 -1.09 11.49
C GLY A 275 7.42 -2.46 11.26
N GLY A 276 6.80 -3.28 10.40
CA GLY A 276 7.24 -4.63 10.18
C GLY A 276 6.71 -5.66 11.16
N TYR A 277 5.77 -5.29 12.04
CA TYR A 277 5.40 -6.16 13.14
C TYR A 277 4.87 -7.51 12.66
N THR A 278 4.20 -7.54 11.51
CA THR A 278 3.64 -8.79 11.02
C THR A 278 4.68 -9.71 10.39
N CYS A 279 5.93 -9.29 10.29
CA CYS A 279 6.94 -10.11 9.63
C CYS A 279 7.55 -11.20 10.51
N PRO A 280 8.00 -10.93 11.76
CA PRO A 280 8.48 -12.02 12.62
C PRO A 280 7.37 -12.98 13.07
N SER B 1 24.46 -4.79 28.74
CA SER B 1 23.08 -5.08 28.36
C SER B 1 22.13 -4.44 29.38
N MET B 2 22.56 -4.47 30.64
CA MET B 2 21.79 -3.88 31.72
C MET B 2 21.50 -2.41 31.43
N GLY B 3 20.27 -1.99 31.69
CA GLY B 3 19.91 -0.61 31.46
C GLY B 3 19.53 -0.28 30.05
N GLU B 4 19.38 -1.28 29.20
CA GLU B 4 18.93 -1.10 27.83
C GLU B 4 17.83 -2.10 27.54
N ILE B 5 16.83 -1.65 26.77
CA ILE B 5 15.86 -2.56 26.16
C ILE B 5 16.44 -2.95 24.81
N GLU B 6 16.75 -4.23 24.65
CA GLU B 6 17.34 -4.77 23.44
C GLU B 6 16.31 -5.50 22.60
N SER B 7 16.38 -5.29 21.28
CA SER B 7 15.38 -5.84 20.39
C SER B 7 15.48 -7.36 20.31
N TYR B 8 14.34 -8.01 20.14
CA TYR B 8 14.30 -9.43 19.79
C TYR B 8 14.46 -9.64 18.28
N CYS B 9 14.31 -8.58 17.49
CA CYS B 9 14.38 -8.69 16.03
C CYS B 9 15.80 -8.51 15.54
N ASN B 10 16.52 -7.52 16.08
CA ASN B 10 17.80 -7.08 15.53
C ASN B 10 18.47 -6.14 16.50
N LYS B 11 19.47 -6.64 17.26
CA LYS B 11 20.05 -5.82 18.31
C LYS B 11 20.81 -4.62 17.74
N GLU B 12 21.06 -4.61 16.43
CA GLU B 12 21.76 -3.49 15.81
C GLU B 12 20.89 -2.22 15.81
N LEU B 13 19.63 -2.32 16.21
CA LEU B 13 18.77 -1.17 16.39
C LEU B 13 19.22 -0.28 17.54
N GLY B 14 19.95 -0.85 18.51
CA GLY B 14 20.38 -0.12 19.68
C GLY B 14 19.27 0.00 20.70
N PRO B 15 19.50 0.80 21.74
CA PRO B 15 18.55 0.87 22.85
C PRO B 15 17.18 1.33 22.40
N LEU B 16 16.14 0.57 22.83
CA LEU B 16 14.78 0.83 22.37
C LEU B 16 14.06 1.81 23.29
N PRO B 17 13.12 2.62 22.77
CA PRO B 17 12.71 2.64 21.38
C PRO B 17 13.62 3.50 20.52
N THR B 18 13.59 3.21 19.22
CA THR B 18 14.26 4.03 18.22
C THR B 18 13.52 5.33 18.06
N LYS B 19 14.20 6.30 17.47
CA LYS B 19 13.70 7.65 17.29
C LYS B 19 12.82 7.74 16.04
N ALA B 20 11.68 8.40 16.17
CA ALA B 20 10.83 8.60 15.00
C ALA B 20 11.49 9.60 14.05
N PRO B 21 11.27 9.46 12.75
CA PRO B 21 11.84 10.44 11.81
C PRO B 21 11.10 11.76 11.88
N THR B 22 11.79 12.81 11.45
CA THR B 22 11.17 14.12 11.30
C THR B 22 10.42 14.16 9.98
N LEU B 23 9.16 14.59 10.02
CA LEU B 23 8.28 14.53 8.86
C LEU B 23 7.61 15.87 8.65
N SER B 24 7.30 16.17 7.38
CA SER B 24 6.56 17.39 7.09
C SER B 24 5.14 17.27 7.62
N LYS B 25 4.55 18.40 8.00
CA LYS B 25 3.15 18.40 8.42
C LYS B 25 2.18 18.39 7.25
N ASN B 26 2.67 18.64 6.03
CA ASN B 26 1.81 18.62 4.85
C ASN B 26 1.98 17.28 4.13
N VAL B 27 0.88 16.56 3.95
CA VAL B 27 0.92 15.20 3.42
C VAL B 27 1.56 15.21 2.03
N LEU B 28 1.38 16.28 1.27
CA LEU B 28 1.86 16.20 -0.11
C LEU B 28 3.38 16.26 -0.16
N ASP B 29 4.00 16.99 0.78
CA ASP B 29 5.45 17.06 0.82
C ASP B 29 6.09 15.72 1.16
N LEU B 30 5.35 14.82 1.82
CA LEU B 30 5.90 13.52 2.16
C LEU B 30 6.24 12.71 0.93
N PHE B 31 5.57 12.96 -0.19
CA PHE B 31 5.77 12.18 -1.39
C PHE B 31 6.90 12.69 -2.27
N SER B 32 7.52 13.80 -1.90
CA SER B 32 8.59 14.37 -2.71
C SER B 32 9.84 13.51 -2.65
N LEU B 33 10.55 13.40 -3.79
CA LEU B 33 11.86 12.77 -3.83
C LEU B 33 12.96 13.78 -4.17
N LYS B 34 12.69 15.07 -3.99
CA LYS B 34 13.71 16.09 -4.21
C LYS B 34 14.93 15.82 -3.37
N GLY B 35 16.11 15.96 -3.97
CA GLY B 35 17.37 15.72 -3.27
C GLY B 35 17.74 14.27 -3.09
N LYS B 36 16.95 13.34 -3.63
CA LYS B 36 17.21 11.91 -3.47
C LYS B 36 17.58 11.31 -4.82
N VAL B 37 18.34 10.22 -4.77
CA VAL B 37 18.79 9.50 -5.98
C VAL B 37 18.09 8.16 -6.01
N ALA B 38 17.47 7.84 -7.16
CA ALA B 38 16.78 6.59 -7.34
C ALA B 38 17.48 5.76 -8.42
N SER B 39 17.47 4.43 -8.23
CA SER B 39 18.05 3.48 -9.18
C SER B 39 16.99 2.41 -9.46
N VAL B 40 16.57 2.28 -10.71
CA VAL B 40 15.42 1.45 -11.05
C VAL B 40 15.87 0.42 -12.09
N THR B 41 15.92 -0.85 -11.70
CA THR B 41 16.33 -1.85 -12.70
C THR B 41 15.17 -2.19 -13.62
N GLY B 42 15.51 -2.74 -14.79
CA GLY B 42 14.49 -3.05 -15.78
C GLY B 42 13.72 -1.83 -16.22
N SER B 43 14.37 -0.67 -16.25
CA SER B 43 13.70 0.58 -16.56
C SER B 43 13.75 0.93 -18.06
N SER B 44 14.22 0.01 -18.90
CA SER B 44 13.89 0.06 -20.30
C SER B 44 12.54 -0.58 -20.61
N GLY B 45 11.99 -1.40 -19.67
CA GLY B 45 10.70 -2.03 -19.86
C GLY B 45 9.55 -1.14 -19.40
N GLY B 46 8.33 -1.61 -19.66
CA GLY B 46 7.12 -0.87 -19.37
C GLY B 46 6.97 -0.37 -17.95
N ILE B 47 6.93 -1.29 -16.96
CA ILE B 47 6.70 -0.88 -15.58
C ILE B 47 7.86 -0.04 -15.07
N GLY B 48 9.09 -0.48 -15.37
CA GLY B 48 10.27 0.21 -14.83
C GLY B 48 10.42 1.61 -15.39
N TRP B 49 10.05 1.81 -16.65
CA TRP B 49 10.13 3.14 -17.23
C TRP B 49 9.06 4.06 -16.63
N ALA B 50 7.86 3.52 -16.40
CA ALA B 50 6.82 4.35 -15.78
C ALA B 50 7.24 4.79 -14.38
N VAL B 51 7.81 3.88 -13.59
CA VAL B 51 8.28 4.24 -12.26
C VAL B 51 9.43 5.25 -12.34
N ALA B 52 10.38 5.01 -13.22
CA ALA B 52 11.50 5.94 -13.38
C ALA B 52 11.00 7.36 -13.68
N GLU B 53 10.06 7.50 -14.62
CA GLU B 53 9.57 8.82 -14.97
C GLU B 53 8.79 9.44 -13.80
N ALA B 54 8.02 8.62 -13.09
CA ALA B 54 7.32 9.14 -11.92
C ALA B 54 8.29 9.63 -10.87
N TYR B 55 9.37 8.87 -10.63
CA TYR B 55 10.34 9.30 -9.63
C TYR B 55 10.99 10.63 -10.04
N ALA B 56 11.24 10.81 -11.34
CA ALA B 56 11.80 12.07 -11.83
C ALA B 56 10.81 13.22 -11.66
N GLN B 57 9.52 12.95 -11.93
CA GLN B 57 8.49 13.95 -11.68
C GLN B 57 8.44 14.36 -10.22
N ALA B 58 8.74 13.43 -9.32
CA ALA B 58 8.77 13.70 -7.89
C ALA B 58 10.06 14.38 -7.44
N GLY B 59 11.03 14.55 -8.35
CA GLY B 59 12.24 15.31 -8.07
C GLY B 59 13.52 14.49 -7.97
N ALA B 60 13.47 13.18 -8.19
CA ALA B 60 14.62 12.31 -7.99
C ALA B 60 15.55 12.31 -9.19
N ASP B 61 16.86 12.25 -8.93
CA ASP B 61 17.80 11.73 -9.92
C ASP B 61 17.54 10.25 -10.13
N VAL B 62 17.64 9.79 -11.38
CA VAL B 62 17.22 8.44 -11.73
C VAL B 62 18.33 7.76 -12.53
N ALA B 63 18.85 6.66 -11.99
CA ALA B 63 19.72 5.76 -12.75
C ALA B 63 18.85 4.72 -13.44
N ILE B 64 18.92 4.68 -14.77
CA ILE B 64 18.18 3.78 -15.65
C ILE B 64 19.02 2.53 -15.88
N TRP B 65 18.38 1.36 -15.91
CA TRP B 65 19.06 0.10 -16.21
C TRP B 65 18.45 -0.52 -17.46
N TYR B 66 19.29 -1.13 -18.29
CA TYR B 66 18.83 -1.87 -19.45
C TYR B 66 19.74 -3.07 -19.65
N ASN B 67 19.24 -4.04 -20.44
CA ASN B 67 20.06 -5.18 -20.82
C ASN B 67 20.20 -5.27 -22.33
N SER B 68 19.14 -5.56 -23.05
CA SER B 68 19.23 -5.72 -24.50
C SER B 68 18.65 -4.54 -25.27
N HIS B 69 17.94 -3.62 -24.62
CA HIS B 69 17.37 -2.45 -25.31
C HIS B 69 17.95 -1.16 -24.75
N PRO B 70 18.99 -0.59 -25.38
CA PRO B 70 19.62 0.61 -24.84
C PRO B 70 18.62 1.71 -24.52
N ALA B 71 18.77 2.32 -23.34
CA ALA B 71 17.80 3.29 -22.86
C ALA B 71 18.44 4.65 -22.61
N ASP B 72 19.45 5.01 -23.40
CA ASP B 72 20.11 6.30 -23.22
C ASP B 72 19.16 7.46 -23.54
N GLU B 73 18.33 7.34 -24.59
CA GLU B 73 17.36 8.41 -24.86
C GLU B 73 16.39 8.61 -23.71
N LYS B 74 16.05 7.53 -22.99
CA LYS B 74 15.15 7.64 -21.85
C LYS B 74 15.78 8.48 -20.74
N ALA B 75 17.04 8.17 -20.39
CA ALA B 75 17.74 8.97 -19.38
C ALA B 75 17.86 10.43 -19.82
N GLU B 76 18.15 10.65 -21.11
CA GLU B 76 18.24 12.02 -21.59
C GLU B 76 16.88 12.68 -21.65
N HIS B 77 15.81 11.91 -21.86
CA HIS B 77 14.48 12.49 -21.76
C HIS B 77 14.18 12.95 -20.33
N LEU B 78 14.64 12.20 -19.33
CA LEU B 78 14.40 12.62 -17.95
C LEU B 78 15.17 13.89 -17.62
N GLN B 79 16.48 13.87 -17.88
CA GLN B 79 17.38 15.02 -17.99
C GLN B 79 16.69 16.25 -18.48
N LYS B 80 16.08 16.16 -19.70
CA LYS B 80 15.70 17.42 -20.34
C LYS B 80 14.25 17.86 -19.96
N THR B 81 13.39 16.90 -19.67
CA THR B 81 12.03 17.23 -19.30
C THR B 81 11.90 17.68 -17.84
N TYR B 82 12.71 17.12 -16.91
CA TYR B 82 12.53 17.41 -15.50
C TYR B 82 13.74 18.04 -14.82
N GLY B 83 14.84 18.27 -15.54
CA GLY B 83 15.99 18.91 -14.94
C GLY B 83 16.68 18.11 -13.86
N VAL B 84 16.49 16.80 -13.84
CA VAL B 84 17.17 15.94 -12.89
C VAL B 84 18.40 15.35 -13.57
N ARG B 85 19.30 14.77 -12.78
CA ARG B 85 20.40 14.00 -13.34
C ARG B 85 19.93 12.58 -13.65
N SER B 86 20.32 12.08 -14.82
CA SER B 86 19.91 10.74 -15.19
C SER B 86 20.90 10.14 -16.17
N LYS B 87 21.11 8.83 -16.06
CA LYS B 87 22.05 8.11 -16.90
C LYS B 87 21.63 6.65 -16.95
N ALA B 88 21.85 6.00 -18.10
CA ALA B 88 21.47 4.61 -18.30
C ALA B 88 22.69 3.72 -18.23
N TYR B 89 22.50 2.51 -17.70
CA TYR B 89 23.58 1.55 -17.45
C TYR B 89 23.20 0.20 -18.03
N LYS B 90 24.15 -0.45 -18.70
CA LYS B 90 23.94 -1.77 -19.26
C LYS B 90 24.39 -2.84 -18.26
N CYS B 91 23.51 -3.79 -17.96
CA CYS B 91 23.88 -4.83 -17.00
C CYS B 91 23.00 -6.06 -17.18
N ASN B 92 23.63 -7.24 -17.25
CA ASN B 92 22.92 -8.50 -17.11
C ASN B 92 22.86 -8.84 -15.62
N ILE B 93 21.68 -8.66 -15.02
CA ILE B 93 21.54 -8.75 -13.57
C ILE B 93 21.68 -10.19 -13.07
N SER B 94 21.61 -11.18 -13.95
CA SER B 94 21.94 -12.54 -13.55
C SER B 94 23.42 -12.74 -13.25
N ASP B 95 24.28 -11.77 -13.58
CA ASP B 95 25.72 -11.85 -13.33
C ASP B 95 26.03 -11.05 -12.06
N PRO B 96 26.36 -11.70 -10.94
CA PRO B 96 26.50 -10.94 -9.67
C PRO B 96 27.67 -9.96 -9.68
N LYS B 97 28.78 -10.34 -10.30
CA LYS B 97 29.88 -9.39 -10.50
C LYS B 97 29.47 -8.17 -11.31
N SER B 98 28.65 -8.34 -12.34
CA SER B 98 28.22 -7.16 -13.11
C SER B 98 27.30 -6.25 -12.31
N VAL B 99 26.45 -6.84 -11.46
CA VAL B 99 25.56 -6.04 -10.62
C VAL B 99 26.37 -5.16 -9.68
N GLU B 100 27.39 -5.74 -9.06
CA GLU B 100 28.21 -4.98 -8.12
C GLU B 100 28.95 -3.86 -8.82
N GLU B 101 29.47 -4.13 -10.03
CA GLU B 101 30.16 -3.09 -10.78
C GLU B 101 29.24 -1.94 -11.14
N THR B 102 28.01 -2.25 -11.57
CA THR B 102 27.07 -1.21 -11.99
C THR B 102 26.64 -0.33 -10.83
N ILE B 103 26.26 -0.94 -9.69
CA ILE B 103 25.83 -0.16 -8.54
C ILE B 103 26.99 0.68 -7.99
N SER B 104 28.20 0.14 -7.97
CA SER B 104 29.33 0.93 -7.51
C SER B 104 29.59 2.12 -8.44
N GLN B 105 29.42 1.91 -9.75
CA GLN B 105 29.58 3.02 -10.68
C GLN B 105 28.50 4.08 -10.46
N GLN B 106 27.26 3.65 -10.21
CA GLN B 106 26.18 4.59 -9.96
C GLN B 106 26.44 5.40 -8.69
N GLU B 107 26.92 4.75 -7.64
CA GLU B 107 27.26 5.49 -6.42
C GLU B 107 28.31 6.55 -6.70
N LYS B 108 29.25 6.27 -7.60
CA LYS B 108 30.26 7.26 -7.94
C LYS B 108 29.68 8.38 -8.80
N ASP B 109 28.85 8.04 -9.78
CA ASP B 109 28.30 9.06 -10.68
C ASP B 109 27.31 9.98 -9.96
N PHE B 110 26.48 9.42 -9.08
CA PHE B 110 25.44 10.18 -8.40
C PHE B 110 25.80 10.58 -6.98
N GLY B 111 26.86 10.02 -6.40
CA GLY B 111 27.19 10.33 -5.03
C GLY B 111 26.62 9.36 -4.03
N THR B 112 25.37 8.96 -4.21
CA THR B 112 24.71 8.01 -3.31
C THR B 112 23.52 7.40 -4.03
N ILE B 113 22.89 6.44 -3.38
CA ILE B 113 21.59 5.92 -3.81
C ILE B 113 20.66 5.96 -2.60
N ASP B 114 19.50 6.59 -2.74
CA ASP B 114 18.51 6.69 -1.66
C ASP B 114 17.36 5.71 -1.83
N VAL B 115 16.97 5.45 -3.08
CA VAL B 115 15.83 4.62 -3.43
C VAL B 115 16.31 3.61 -4.46
N PHE B 116 16.05 2.33 -4.24
CA PHE B 116 16.37 1.30 -5.21
C PHE B 116 15.13 0.49 -5.52
N VAL B 117 14.87 0.24 -6.79
CA VAL B 117 13.73 -0.56 -7.23
C VAL B 117 14.29 -1.76 -7.98
N ALA B 118 14.13 -2.95 -7.43
CA ALA B 118 14.59 -4.20 -8.04
C ALA B 118 13.45 -4.73 -8.87
N ASN B 119 13.41 -4.33 -10.14
CA ASN B 119 12.25 -4.49 -10.98
C ASN B 119 12.48 -5.40 -12.18
N ALA B 120 13.71 -5.55 -12.67
CA ALA B 120 13.96 -6.37 -13.85
C ALA B 120 13.52 -7.82 -13.61
N GLY B 121 12.96 -8.43 -14.65
CA GLY B 121 12.58 -9.83 -14.55
C GLY B 121 12.14 -10.35 -15.90
N VAL B 122 12.05 -11.68 -16.00
CA VAL B 122 11.55 -12.31 -17.23
C VAL B 122 10.43 -13.30 -16.88
N PRO B 123 9.50 -13.53 -17.79
CA PRO B 123 8.42 -14.50 -17.54
C PRO B 123 8.79 -15.93 -17.92
N TRP B 124 8.00 -16.86 -17.40
CA TRP B 124 7.96 -18.22 -17.91
C TRP B 124 6.89 -18.28 -18.99
N THR B 125 7.26 -18.84 -20.14
CA THR B 125 6.38 -18.82 -21.30
C THR B 125 6.08 -20.21 -21.86
N GLU B 126 6.44 -21.28 -21.15
CA GLU B 126 6.49 -22.60 -21.77
C GLU B 126 5.42 -23.57 -21.29
N GLY B 127 4.41 -23.09 -20.55
CA GLY B 127 3.31 -23.93 -20.15
C GLY B 127 3.70 -24.89 -19.04
N PRO B 128 3.01 -26.03 -18.98
CA PRO B 128 3.20 -26.93 -17.84
C PRO B 128 4.62 -27.47 -17.77
N GLU B 129 5.27 -27.18 -16.64
CA GLU B 129 6.56 -27.78 -16.34
C GLU B 129 6.72 -29.27 -16.66
N ILE B 130 5.66 -30.08 -16.47
CA ILE B 130 5.88 -31.49 -16.56
C ILE B 130 6.38 -31.90 -17.94
N ASN B 131 6.13 -31.09 -18.97
CA ASN B 131 6.54 -31.36 -20.35
C ASN B 131 7.86 -30.71 -20.75
N VAL B 132 8.49 -29.97 -19.85
CA VAL B 132 9.74 -29.28 -20.16
C VAL B 132 10.86 -30.17 -19.63
N ASP B 133 11.48 -30.93 -20.53
CA ASP B 133 12.42 -31.97 -20.11
C ASP B 133 13.87 -31.49 -20.07
N ASN B 134 14.11 -30.25 -19.69
CA ASN B 134 15.34 -29.93 -18.99
C ASN B 134 15.05 -28.73 -18.10
N TYR B 135 16.10 -28.23 -17.44
CA TYR B 135 15.96 -27.25 -16.38
C TYR B 135 16.49 -25.87 -16.75
N ASP B 136 16.87 -25.62 -18.01
CA ASP B 136 17.41 -24.29 -18.33
C ASP B 136 16.37 -23.21 -18.13
N SER B 137 15.11 -23.48 -18.47
CA SER B 137 14.10 -22.44 -18.29
C SER B 137 13.83 -22.16 -16.81
N TRP B 138 13.72 -23.22 -16.01
CA TRP B 138 13.61 -23.03 -14.56
C TRP B 138 14.78 -22.21 -14.03
N ASN B 139 16.00 -22.57 -14.45
CA ASN B 139 17.16 -21.88 -13.87
C ASN B 139 17.25 -20.43 -14.36
N LYS B 140 16.86 -20.17 -15.61
CA LYS B 140 16.84 -18.80 -16.10
C LYS B 140 15.93 -17.92 -15.26
N ILE B 141 14.74 -18.42 -14.90
CA ILE B 141 13.81 -17.66 -14.09
C ILE B 141 14.38 -17.43 -12.69
N ILE B 142 14.86 -18.50 -12.05
CA ILE B 142 15.37 -18.34 -10.68
C ILE B 142 16.57 -17.40 -10.66
N ASN B 143 17.44 -17.49 -11.67
CA ASN B 143 18.70 -16.74 -11.65
C ASN B 143 18.45 -15.24 -11.77
N LEU B 144 17.47 -14.82 -12.57
CA LEU B 144 17.20 -13.39 -12.69
C LEU B 144 16.13 -12.91 -11.73
N ASP B 145 15.04 -13.66 -11.60
CA ASP B 145 13.88 -13.18 -10.84
C ASP B 145 14.03 -13.36 -9.34
N LEU B 146 14.95 -14.22 -8.90
CA LEU B 146 15.23 -14.36 -7.46
C LEU B 146 16.67 -14.03 -7.16
N ASN B 147 17.64 -14.77 -7.72
CA ASN B 147 19.04 -14.50 -7.40
C ASN B 147 19.43 -13.08 -7.80
N GLY B 148 19.04 -12.66 -9.00
CA GLY B 148 19.41 -11.33 -9.45
C GLY B 148 18.81 -10.23 -8.58
N VAL B 149 17.56 -10.41 -8.14
CA VAL B 149 16.97 -9.49 -7.18
C VAL B 149 17.82 -9.43 -5.92
N TYR B 150 18.28 -10.58 -5.44
CA TYR B 150 19.09 -10.59 -4.23
C TYR B 150 20.46 -9.96 -4.47
N TYR B 151 21.08 -10.20 -5.64
CA TYR B 151 22.36 -9.54 -5.93
C TYR B 151 22.21 -8.03 -5.83
N CYS B 152 21.15 -7.48 -6.41
CA CYS B 152 20.90 -6.04 -6.31
C CYS B 152 20.70 -5.62 -4.86
N ALA B 153 19.86 -6.36 -4.13
CA ALA B 153 19.56 -5.99 -2.75
C ALA B 153 20.81 -6.02 -1.89
N HIS B 154 21.56 -7.12 -1.94
CA HIS B 154 22.77 -7.25 -1.13
C HIS B 154 23.74 -6.11 -1.39
N THR B 155 23.86 -5.71 -2.65
CA THR B 155 24.84 -4.69 -3.02
C THR B 155 24.40 -3.30 -2.59
N VAL B 156 23.14 -2.92 -2.86
CA VAL B 156 22.71 -1.58 -2.48
C VAL B 156 22.51 -1.49 -0.97
N GLY B 157 22.21 -2.61 -0.31
CA GLY B 157 22.07 -2.58 1.15
C GLY B 157 23.32 -2.10 1.85
N LYS B 158 24.49 -2.43 1.32
CA LYS B 158 25.72 -1.94 1.94
C LYS B 158 25.84 -0.42 1.84
N ILE B 159 25.32 0.16 0.76
CA ILE B 159 25.28 1.63 0.64
C ILE B 159 24.30 2.21 1.66
N PHE B 160 23.10 1.61 1.75
CA PHE B 160 22.11 2.09 2.72
C PHE B 160 22.67 2.06 4.13
N LYS B 161 23.39 0.98 4.47
CA LYS B 161 23.93 0.88 5.84
C LYS B 161 25.01 1.93 6.08
N LYS B 162 25.88 2.17 5.09
CA LYS B 162 26.90 3.21 5.22
C LYS B 162 26.27 4.57 5.51
N ASN B 163 25.19 4.91 4.81
CA ASN B 163 24.55 6.21 4.94
C ASN B 163 23.49 6.25 6.03
N GLY B 164 23.10 5.10 6.56
CA GLY B 164 22.06 5.03 7.58
C GLY B 164 20.67 5.30 7.10
N LYS B 165 20.39 5.18 5.80
CA LYS B 165 19.07 5.46 5.26
C LYS B 165 18.92 4.82 3.89
N GLY B 166 17.67 4.57 3.50
CA GLY B 166 17.40 4.02 2.20
C GLY B 166 16.07 3.32 2.14
N SER B 167 15.55 3.19 0.92
CA SER B 167 14.30 2.49 0.67
C SER B 167 14.51 1.56 -0.52
N LEU B 168 14.30 0.27 -0.30
CA LEU B 168 14.31 -0.75 -1.35
C LEU B 168 12.88 -1.17 -1.64
N VAL B 169 12.49 -1.09 -2.91
CA VAL B 169 11.20 -1.60 -3.37
C VAL B 169 11.50 -2.74 -4.33
N ILE B 170 10.92 -3.90 -4.08
CA ILE B 170 11.07 -5.05 -4.98
C ILE B 170 9.78 -5.17 -5.79
N THR B 171 9.91 -5.40 -7.10
CA THR B 171 8.74 -5.72 -7.93
C THR B 171 8.50 -7.22 -7.79
N SER B 172 7.48 -7.59 -7.03
CA SER B 172 7.06 -8.98 -6.98
C SER B 172 5.99 -9.18 -8.04
N SER B 173 4.88 -9.80 -7.67
CA SER B 173 3.80 -10.07 -8.62
C SER B 173 2.66 -10.70 -7.83
N MET B 174 1.42 -10.53 -8.31
CA MET B 174 0.36 -11.36 -7.74
C MET B 174 0.67 -12.85 -7.87
N SER B 175 1.55 -13.23 -8.82
CA SER B 175 1.99 -14.61 -8.95
C SER B 175 2.76 -15.12 -7.73
N GLY B 176 3.22 -14.22 -6.86
CA GLY B 176 3.82 -14.67 -5.62
C GLY B 176 2.83 -15.01 -4.54
N THR B 177 1.55 -14.71 -4.77
CA THR B 177 0.46 -14.89 -3.82
C THR B 177 -0.53 -15.95 -4.27
N ILE B 178 -0.85 -15.98 -5.57
CA ILE B 178 -1.76 -16.94 -6.19
C ILE B 178 -1.07 -17.67 -7.33
N VAL B 179 -1.82 -18.57 -7.94
CA VAL B 179 -1.35 -19.39 -9.05
C VAL B 179 -2.10 -18.95 -10.30
N ASN B 180 -1.37 -18.39 -11.28
CA ASN B 180 -1.99 -17.95 -12.52
C ASN B 180 -2.59 -19.12 -13.29
N VAL B 181 -3.78 -18.88 -13.86
CA VAL B 181 -4.43 -19.80 -14.78
C VAL B 181 -5.03 -19.00 -15.92
N PRO B 182 -5.12 -19.59 -17.10
CA PRO B 182 -4.74 -20.97 -17.45
C PRO B 182 -3.30 -21.15 -17.92
N GLN B 183 -2.54 -20.06 -18.07
CA GLN B 183 -1.13 -20.21 -18.44
C GLN B 183 -0.35 -20.60 -17.19
N LEU B 184 0.18 -21.82 -17.17
CA LEU B 184 0.83 -22.37 -15.99
C LEU B 184 2.30 -21.99 -15.98
N GLN B 185 2.78 -21.53 -14.82
CA GLN B 185 4.12 -20.95 -14.75
C GLN B 185 4.72 -21.09 -13.35
N ALA B 186 4.80 -22.34 -12.89
CA ALA B 186 5.27 -22.63 -11.52
C ALA B 186 6.61 -21.96 -11.18
N ALA B 187 7.57 -21.97 -12.11
CA ALA B 187 8.89 -21.42 -11.80
C ALA B 187 8.82 -19.93 -11.47
N TYR B 188 8.05 -19.18 -12.25
CA TYR B 188 7.86 -17.76 -12.01
C TYR B 188 7.10 -17.52 -10.71
N ASN B 189 6.05 -18.31 -10.46
CA ASN B 189 5.30 -18.17 -9.22
C ASN B 189 6.21 -18.38 -8.02
N ALA B 190 7.04 -19.42 -8.06
CA ALA B 190 7.94 -19.72 -6.94
C ALA B 190 8.95 -18.60 -6.75
N ALA B 191 9.51 -18.08 -7.85
CA ALA B 191 10.50 -17.01 -7.70
C ALA B 191 9.87 -15.75 -7.11
N LYS B 192 8.66 -15.41 -7.52
CA LYS B 192 8.02 -14.21 -6.99
C LYS B 192 7.60 -14.39 -5.53
N ALA B 193 7.15 -15.58 -5.14
CA ALA B 193 6.86 -15.80 -3.73
C ALA B 193 8.12 -15.64 -2.89
N ALA B 194 9.24 -16.14 -3.40
CA ALA B 194 10.51 -15.93 -2.71
C ALA B 194 10.83 -14.44 -2.62
N CYS B 195 10.52 -13.69 -3.68
CA CYS B 195 10.74 -12.24 -3.66
C CYS B 195 9.92 -11.58 -2.57
N THR B 196 8.64 -11.93 -2.48
CA THR B 196 7.77 -11.33 -1.46
C THR B 196 8.29 -11.62 -0.05
N HIS B 197 8.77 -12.84 0.18
CA HIS B 197 9.26 -13.14 1.54
C HIS B 197 10.67 -12.66 1.78
N LEU B 198 11.49 -12.56 0.72
CA LEU B 198 12.78 -11.88 0.85
C LEU B 198 12.58 -10.44 1.28
N THR B 199 11.54 -9.77 0.76
CA THR B 199 11.18 -8.43 1.19
C THR B 199 10.99 -8.40 2.70
N LYS B 200 10.17 -9.30 3.23
CA LYS B 200 9.92 -9.32 4.67
C LYS B 200 11.19 -9.64 5.44
N SER B 201 11.99 -10.59 4.95
CA SER B 201 13.22 -10.95 5.65
C SER B 201 14.20 -9.79 5.70
N LEU B 202 14.39 -9.12 4.57
CA LEU B 202 15.36 -8.02 4.55
C LEU B 202 14.84 -6.80 5.31
N ALA B 203 13.52 -6.64 5.38
CA ALA B 203 12.98 -5.56 6.20
C ALA B 203 13.43 -5.71 7.65
N VAL B 204 13.44 -6.95 8.15
CA VAL B 204 13.89 -7.20 9.52
C VAL B 204 15.40 -7.00 9.64
N GLU B 205 16.17 -7.53 8.68
CA GLU B 205 17.62 -7.45 8.78
C GLU B 205 18.14 -6.01 8.65
N TRP B 206 17.49 -5.21 7.80
CA TRP B 206 17.97 -3.87 7.47
C TRP B 206 17.32 -2.77 8.29
N ALA B 207 16.40 -3.10 9.18
CA ALA B 207 15.63 -2.11 9.92
C ALA B 207 16.45 -0.99 10.55
N PRO B 208 17.69 -1.22 11.04
CA PRO B 208 18.45 -0.08 11.59
C PRO B 208 18.76 1.00 10.58
N PHE B 209 18.74 0.69 9.28
CA PHE B 209 19.19 1.65 8.29
C PHE B 209 18.33 1.76 7.04
N ALA B 210 17.30 0.94 6.87
CA ALA B 210 16.53 1.01 5.62
C ALA B 210 15.18 0.34 5.78
N ARG B 211 14.26 0.69 4.86
CA ARG B 211 12.98 0.03 4.75
C ARG B 211 12.98 -0.81 3.47
N VAL B 212 12.23 -1.91 3.49
CA VAL B 212 12.16 -2.83 2.35
C VAL B 212 10.70 -3.23 2.18
N ASN B 213 10.15 -3.00 0.98
CA ASN B 213 8.75 -3.30 0.67
C ASN B 213 8.68 -3.85 -0.74
N CYS B 214 7.54 -4.45 -1.09
CA CYS B 214 7.37 -4.86 -2.48
C CYS B 214 5.99 -4.46 -2.99
N VAL B 215 5.90 -4.37 -4.32
CA VAL B 215 4.64 -4.18 -5.02
C VAL B 215 4.35 -5.46 -5.79
N SER B 216 3.11 -5.93 -5.74
CA SER B 216 2.71 -7.14 -6.45
C SER B 216 1.68 -6.77 -7.53
N PRO B 217 2.10 -6.36 -8.72
CA PRO B 217 1.13 -6.01 -9.76
C PRO B 217 0.36 -7.23 -10.24
N GLY B 218 -0.87 -6.96 -10.69
CA GLY B 218 -1.65 -7.93 -11.44
C GLY B 218 -1.31 -7.87 -12.91
N TYR B 219 -2.29 -8.18 -13.75
CA TYR B 219 -2.06 -8.11 -15.18
C TYR B 219 -2.00 -6.66 -15.64
N ILE B 220 -0.87 -6.26 -16.22
CA ILE B 220 -0.64 -4.90 -16.69
C ILE B 220 -0.58 -4.92 -18.21
N ALA B 221 -1.39 -4.08 -18.85
CA ALA B 221 -1.44 -4.06 -20.31
C ALA B 221 -0.16 -3.50 -20.91
N THR B 222 0.23 -4.06 -22.05
CA THR B 222 1.38 -3.64 -22.85
C THR B 222 1.01 -3.30 -24.29
N PHE B 227 0.97 -11.97 -29.02
CA PHE B 227 0.27 -10.70 -28.99
C PHE B 227 -0.99 -11.33 -28.61
N VAL B 228 -0.66 -11.90 -27.48
CA VAL B 228 -1.26 -12.94 -26.66
C VAL B 228 -2.73 -13.25 -26.90
N GLU B 229 -2.95 -14.47 -27.40
CA GLU B 229 -4.20 -15.22 -27.44
C GLU B 229 -5.36 -14.58 -26.69
N LYS B 230 -6.30 -14.07 -27.49
CA LYS B 230 -7.41 -13.28 -26.98
C LYS B 230 -8.30 -14.07 -26.02
N ASP B 231 -8.57 -15.36 -26.29
CA ASP B 231 -9.42 -16.02 -25.31
C ASP B 231 -8.72 -16.23 -23.98
N MET B 232 -7.38 -16.25 -23.94
CA MET B 232 -6.74 -16.35 -22.64
C MET B 232 -6.93 -15.09 -21.82
N LYS B 233 -6.74 -13.92 -22.43
CA LYS B 233 -7.00 -12.71 -21.65
C LYS B 233 -8.46 -12.55 -21.30
N ALA B 234 -9.37 -13.04 -22.15
CA ALA B 234 -10.77 -12.97 -21.79
C ALA B 234 -11.01 -13.61 -20.43
N LYS B 235 -10.36 -14.74 -20.17
CA LYS B 235 -10.50 -15.41 -18.89
C LYS B 235 -9.86 -14.59 -17.77
N TRP B 236 -8.71 -13.94 -18.04
CA TRP B 236 -8.16 -13.02 -17.06
C TRP B 236 -9.16 -11.94 -16.68
N TRP B 237 -9.77 -11.30 -17.69
CA TRP B 237 -10.75 -10.26 -17.41
C TRP B 237 -11.90 -10.80 -16.57
N GLN B 238 -12.36 -12.02 -16.89
CA GLN B 238 -13.49 -12.58 -16.17
C GLN B 238 -13.19 -12.84 -14.71
N LEU B 239 -11.93 -13.10 -14.37
CA LEU B 239 -11.53 -13.41 -13.00
C LEU B 239 -11.01 -12.20 -12.24
N THR B 240 -10.96 -11.03 -12.88
CA THR B 240 -10.46 -9.81 -12.27
C THR B 240 -11.63 -8.96 -11.82
N PRO B 241 -11.79 -8.70 -10.51
CA PRO B 241 -12.94 -7.90 -10.04
C PRO B 241 -13.13 -6.57 -10.75
N LEU B 242 -12.06 -5.85 -11.10
CA LEU B 242 -12.26 -4.59 -11.80
C LEU B 242 -12.63 -4.80 -13.27
N GLY B 243 -12.42 -6.00 -13.83
CA GLY B 243 -12.90 -6.31 -15.17
C GLY B 243 -11.97 -5.93 -16.31
N ARG B 244 -10.68 -5.67 -16.02
CA ARG B 244 -9.76 -5.19 -17.04
C ARG B 244 -8.33 -5.41 -16.57
N GLU B 245 -7.40 -5.30 -17.52
CA GLU B 245 -6.00 -5.23 -17.13
C GLU B 245 -5.68 -3.83 -16.64
N GLY B 246 -4.56 -3.72 -15.90
CA GLY B 246 -4.11 -2.42 -15.44
C GLY B 246 -3.19 -1.71 -16.41
N LEU B 247 -3.02 -0.42 -16.19
CA LEU B 247 -2.04 0.39 -16.90
C LEU B 247 -0.79 0.55 -16.06
N ALA B 248 0.36 0.71 -16.73
CA ALA B 248 1.59 0.96 -15.97
C ALA B 248 1.44 2.20 -15.10
N GLN B 249 0.70 3.20 -15.57
CA GLN B 249 0.51 4.42 -14.79
C GLN B 249 -0.28 4.19 -13.52
N GLU B 250 -1.06 3.11 -13.43
CA GLU B 250 -1.76 2.82 -12.18
C GLU B 250 -0.85 2.20 -11.12
N LEU B 251 0.41 1.93 -11.45
CA LEU B 251 1.37 1.40 -10.49
C LEU B 251 2.21 2.48 -9.84
N VAL B 252 2.35 3.66 -10.46
CA VAL B 252 3.41 4.57 -10.02
C VAL B 252 3.11 5.15 -8.66
N GLY B 253 1.83 5.28 -8.30
CA GLY B 253 1.51 5.78 -6.97
C GLY B 253 2.03 4.90 -5.87
N ALA B 254 1.90 3.58 -6.05
CA ALA B 254 2.40 2.63 -5.05
C ALA B 254 3.93 2.70 -4.93
N TYR B 255 4.62 2.79 -6.06
CA TYR B 255 6.08 2.87 -6.01
C TYR B 255 6.55 4.19 -5.42
N LEU B 256 5.82 5.29 -5.66
CA LEU B 256 6.22 6.56 -5.04
C LEU B 256 5.90 6.56 -3.54
N TYR B 257 4.77 5.99 -3.16
CA TYR B 257 4.42 5.87 -1.74
C TYR B 257 5.54 5.17 -0.98
N LEU B 258 5.99 4.00 -1.47
CA LEU B 258 7.00 3.21 -0.77
C LEU B 258 8.38 3.86 -0.84
N ALA B 259 8.68 4.57 -1.92
CA ALA B 259 10.01 5.18 -2.06
C ALA B 259 10.20 6.40 -1.17
N SER B 260 9.11 7.08 -0.82
CA SER B 260 9.18 8.42 -0.23
C SER B 260 8.93 8.37 1.27
N ASN B 261 8.98 9.55 1.90
CA ASN B 261 8.72 9.70 3.33
C ASN B 261 7.24 9.54 3.65
N ALA B 262 6.40 9.25 2.65
CA ALA B 262 5.00 8.95 2.92
C ALA B 262 4.84 7.65 3.69
N SER B 263 5.87 6.79 3.70
CA SER B 263 5.75 5.41 4.18
C SER B 263 6.81 5.08 5.23
N THR B 264 7.16 6.03 6.11
CA THR B 264 8.30 5.80 7.00
C THR B 264 8.03 4.78 8.10
N TYR B 265 6.79 4.37 8.33
CA TYR B 265 6.51 3.26 9.25
C TYR B 265 6.11 2.00 8.50
N THR B 266 6.28 1.98 7.18
CA THR B 266 5.88 0.87 6.33
C THR B 266 7.14 0.10 5.93
N THR B 267 7.25 -1.14 6.39
CA THR B 267 8.38 -1.96 6.01
C THR B 267 7.97 -3.42 6.10
N GLY B 268 8.52 -4.23 5.19
CA GLY B 268 8.08 -5.60 5.00
C GLY B 268 6.69 -5.75 4.44
N ALA B 269 6.11 -4.70 3.88
CA ALA B 269 4.75 -4.77 3.36
C ALA B 269 4.75 -5.16 1.89
N ASN B 270 3.68 -5.86 1.50
CA ASN B 270 3.40 -6.21 0.11
C ASN B 270 2.14 -5.45 -0.31
N LEU B 271 2.31 -4.53 -1.26
CA LEU B 271 1.21 -3.75 -1.80
C LEU B 271 0.69 -4.37 -3.09
N ALA B 272 -0.49 -4.97 -3.00
CA ALA B 272 -1.15 -5.58 -4.16
C ALA B 272 -1.78 -4.51 -5.02
N VAL B 273 -1.43 -4.50 -6.30
CA VAL B 273 -2.04 -3.58 -7.25
C VAL B 273 -2.50 -4.45 -8.41
N ASP B 274 -3.65 -5.12 -8.23
CA ASP B 274 -4.00 -6.21 -9.13
C ASP B 274 -5.46 -6.19 -9.53
N GLY B 275 -6.15 -5.06 -9.36
CA GLY B 275 -7.54 -5.03 -9.81
C GLY B 275 -8.44 -5.92 -8.99
N GLY B 276 -7.96 -6.36 -7.83
CA GLY B 276 -8.71 -7.27 -6.98
C GLY B 276 -8.49 -8.73 -7.26
N TYR B 277 -7.55 -9.07 -8.15
CA TYR B 277 -7.46 -10.44 -8.66
C TYR B 277 -7.23 -11.46 -7.54
N THR B 278 -6.47 -11.10 -6.51
CA THR B 278 -6.18 -12.04 -5.42
C THR B 278 -7.37 -12.25 -4.49
N CYS B 279 -8.50 -11.56 -4.66
CA CYS B 279 -9.61 -11.68 -3.71
C CYS B 279 -10.50 -12.90 -3.99
N PRO B 280 -10.93 -13.17 -5.24
CA PRO B 280 -11.72 -14.39 -5.50
C PRO B 280 -10.89 -15.68 -5.39
PA NAP C . -9.00 6.99 19.36
O1A NAP C . -8.04 8.20 19.46
O2A NAP C . -9.55 6.57 20.74
O5B NAP C . -10.28 7.41 18.39
C5B NAP C . -11.33 6.48 18.29
C4B NAP C . -12.45 7.15 17.49
O4B NAP C . -13.49 6.35 17.45
C3B NAP C . -12.90 8.44 18.23
O3B NAP C . -13.07 9.42 17.31
C2B NAP C . -14.24 8.04 18.85
O2B NAP C . -15.08 9.27 18.96
C1B NAP C . -14.76 7.19 17.96
N9A NAP C . -15.68 6.33 18.60
C8A NAP C . -15.60 5.55 19.68
N7A NAP C . -16.82 4.97 19.88
C5A NAP C . -17.64 5.42 18.90
C6A NAP C . -18.97 5.15 18.63
N6A NAP C . -19.91 4.32 19.27
N1A NAP C . -19.57 5.73 17.59
C2A NAP C . -18.88 6.58 16.78
N3A NAP C . -17.56 6.84 17.04
C4A NAP C . -16.96 6.25 18.11
O3 NAP C . -8.24 5.67 18.64
PN NAP C . -7.42 5.74 17.20
O1N NAP C . -6.31 4.75 17.33
O2N NAP C . -6.88 7.10 16.91
O5D NAP C . -8.38 5.41 15.90
C5D NAP C . -9.36 4.41 16.01
C4D NAP C . -9.21 3.44 14.80
O4D NAP C . -7.94 3.12 14.55
C3D NAP C . -9.91 2.15 15.24
O3D NAP C . -10.46 1.52 14.15
C2D NAP C . -8.70 1.38 15.83
O2D NAP C . -9.10 -0.03 16.10
C1D NAP C . -7.85 1.52 14.84
N1N NAP C . -6.48 1.13 15.12
C2N NAP C . -5.76 1.79 16.05
C3N NAP C . -4.43 1.41 16.32
C7N NAP C . -3.64 2.14 17.37
O7N NAP C . -3.99 3.22 17.76
N7N NAP C . -2.42 1.53 17.90
C4N NAP C . -3.88 0.37 15.62
C5N NAP C . -4.61 -0.27 14.67
C6N NAP C . -5.93 0.11 14.40
P2B NAP C . -15.17 10.15 20.37
O1X NAP C . -13.80 10.31 20.94
O2X NAP C . -15.75 11.48 19.99
O3X NAP C . -16.09 9.39 21.33
PA NAP D . 9.18 -5.84 -19.68
O1A NAP D . 8.62 -4.61 -20.43
O2A NAP D . 9.60 -7.00 -20.58
O5B NAP D . 10.47 -5.32 -18.78
C5B NAP D . 11.46 -6.29 -18.53
C4B NAP D . 12.71 -5.55 -17.99
O4B NAP D . 13.52 -6.42 -17.44
C3B NAP D . 13.45 -4.89 -19.19
O3B NAP D . 13.92 -3.67 -18.83
C2B NAP D . 14.61 -5.87 -19.38
O2B NAP D . 15.72 -5.14 -20.04
C1B NAP D . 14.95 -6.26 -18.15
N9A NAP D . 15.60 -7.52 -18.24
C8A NAP D . 15.26 -8.68 -18.82
N7A NAP D . 16.29 -9.57 -18.65
C5A NAP D . 17.26 -8.91 -17.96
C6A NAP D . 18.50 -9.35 -17.52
N6A NAP D . 19.18 -10.59 -17.63
N1A NAP D . 19.31 -8.52 -16.84
C2A NAP D . 18.89 -7.25 -16.59
N3A NAP D . 17.66 -6.81 -17.01
C4A NAP D . 16.85 -7.66 -17.70
O3 NAP D . 7.99 -6.41 -18.64
PN NAP D . 7.45 -5.62 -17.31
O1N NAP D . 6.00 -5.92 -17.15
O2N NAP D . 7.67 -4.15 -17.40
O5D NAP D . 8.28 -6.29 -16.06
C5D NAP D . 8.83 -5.54 -15.01
C4D NAP D . 8.63 -6.32 -13.70
O4D NAP D . 7.33 -6.36 -13.42
C3D NAP D . 9.10 -7.78 -13.75
O3D NAP D . 9.69 -8.12 -12.56
C2D NAP D . 7.76 -8.56 -13.94
O2D NAP D . 7.99 -9.98 -13.57
C1D NAP D . 7.00 -7.91 -13.11
N1N NAP D . 5.56 -8.05 -13.29
C2N NAP D . 4.99 -7.84 -14.50
C3N NAP D . 3.60 -7.96 -14.65
C7N NAP D . 2.95 -7.74 -15.98
O7N NAP D . 3.55 -7.24 -16.90
N7N NAP D . 1.55 -8.13 -16.10
C4N NAP D . 2.83 -8.31 -13.58
C5N NAP D . 3.41 -8.52 -12.36
C6N NAP D . 4.79 -8.37 -12.20
P2B NAP D . 15.89 -5.07 -21.68
O1X NAP D . 14.55 -4.93 -22.34
O2X NAP D . 16.77 -3.88 -21.98
O3X NAP D . 16.56 -6.36 -22.16
#